data_2DQU
#
_entry.id   2DQU
#
_cell.length_a   58.700
_cell.length_b   63.040
_cell.length_c   56.560
_cell.angle_alpha   90.00
_cell.angle_beta   98.75
_cell.angle_gamma   90.00
#
_symmetry.space_group_name_H-M   'P 1 21 1'
#
loop_
_entity.id
_entity.type
_entity.pdbx_description
1 polymer 'IMMUNOGLOBULIN 6D9'
2 polymer 'IMMUNOGLOBULIN 6D9'
3 non-polymer '[1-(3-DIMETHYLAMINO-PROPYL)-3-ETHYL-UREIDO]-[4-(2,2,2-TRIFLUORO-ACETYLAMINO)-BENZYL]PHOSPHINIC ACID-2-(2,2-DIHYDRO-ACETYLAMINO)-3-HYDROXY-1-(4-NITROPHENYL)-PROPYL ESTER'
4 water water
#
loop_
_entity_poly.entity_id
_entity_poly.type
_entity_poly.pdbx_seq_one_letter_code
_entity_poly.pdbx_strand_id
1 'polypeptide(L)'
;DVLMTQTPLSLPVSLGDQASISCRSSQTIVHSNGDTYLDWFLQKPGQSPKLLIYKVSNRFSGVPDRFSGSGSGTDFTLKI
SRVEAEDLGVYYCFQGSHVPPTFGGGTKLEIKRADAAPTVSIFPPSSEQLTSGGASVVCFLNNFYPKDINVKWKIDGSER
QNGVLNSWTDQDSKDSTYSMSSTLTLTKDEYERHNSYTCEATHKTSTSPIVKSFNRNEC
;
L
2 'polypeptide(L)'
;EVKLVESGGGLVKPGGSLKLSCAASGFTFSNYAMSWVRQTPEKRLEWVVSISSGGSIYYLDSVKGRFTVSRDNARNILYL
QMTSLRSEDTAMYFCARVSHYDGSRDWYFDVWGAGTSVTVSSAKTTPPSVYPLAPGSAAQTNSMVTLGCLVKGYFPEPVT
VTWNSGSLSSGVHTFPAVLQSDLYTLSSSVTVPSSTWPSETVTCNVAHPASSTKVDKKIVPRDC
;
H
#
loop_
_chem_comp.id
_chem_comp.type
_chem_comp.name
_chem_comp.formula
CPD non-polymer '[1-(3-DIMETHYLAMINO-PROPYL)-3-ETHYL-UREIDO]-[4-(2,2,2-TRIFLUORO-ACETYLAMINO)-BENZYL]PHOSPHINIC ACID-2-(2,2-DIHYDRO-ACETYLAMINO)-3-HYDROXY-1-(4-NITROPHENYL)-PROPYL ESTER' 'C28 H36 Cl2 F3 N6 O8 P'
#
# COMPACT_ATOMS: atom_id res chain seq x y z
N ASP A 1 24.42 0.95 8.50
CA ASP A 1 24.18 0.80 7.03
C ASP A 1 24.16 2.18 6.35
N VAL A 2 24.13 2.20 5.02
CA VAL A 2 24.07 3.47 4.30
C VAL A 2 22.60 3.86 4.16
N LEU A 3 22.25 5.01 4.69
CA LEU A 3 20.87 5.50 4.63
C LEU A 3 20.67 6.35 3.37
N MET A 4 19.65 5.98 2.58
CA MET A 4 19.34 6.69 1.34
C MET A 4 18.11 7.52 1.63
N THR A 5 18.25 8.84 1.52
CA THR A 5 17.15 9.76 1.79
C THR A 5 16.66 10.38 0.50
N GLN A 6 15.38 10.19 0.18
CA GLN A 6 14.81 10.76 -1.02
C GLN A 6 13.91 11.93 -0.68
N THR A 7 13.94 12.93 -1.54
CA THR A 7 13.11 14.12 -1.36
C THR A 7 12.60 14.58 -2.72
N PRO A 8 11.29 14.89 -2.81
CA PRO A 8 10.29 14.86 -1.74
C PRO A 8 9.69 13.46 -1.60
N LEU A 9 8.70 13.32 -0.71
CA LEU A 9 8.02 12.05 -0.52
C LEU A 9 6.93 11.92 -1.58
N SER A 10 6.33 13.05 -1.95
CA SER A 10 5.31 13.08 -2.97
C SER A 10 5.57 14.28 -3.86
N LEU A 11 5.47 14.07 -5.17
CA LEU A 11 5.74 15.13 -6.12
C LEU A 11 4.57 15.31 -7.09
N PRO A 12 3.78 16.37 -6.90
CA PRO A 12 2.64 16.60 -7.79
C PRO A 12 3.09 17.25 -9.09
N VAL A 13 2.71 16.65 -10.21
CA VAL A 13 3.10 17.18 -11.51
C VAL A 13 1.92 17.21 -12.48
N SER A 14 2.07 17.94 -13.57
CA SER A 14 1.05 17.98 -14.60
C SER A 14 1.76 17.35 -15.78
N LEU A 15 1.04 16.62 -16.62
CA LEU A 15 1.68 16.01 -17.76
C LEU A 15 2.42 17.09 -18.55
N GLY A 16 3.58 16.74 -19.09
CA GLY A 16 4.35 17.70 -19.85
C GLY A 16 5.39 18.40 -19.01
N ASP A 17 5.17 18.47 -17.70
CA ASP A 17 6.10 19.12 -16.80
C ASP A 17 7.41 18.38 -16.66
N GLN A 18 8.42 19.09 -16.20
CA GLN A 18 9.73 18.53 -15.96
C GLN A 18 9.66 18.16 -14.48
N ALA A 19 10.36 17.10 -14.09
CA ALA A 19 10.36 16.67 -12.69
C ALA A 19 11.76 16.25 -12.25
N SER A 20 12.10 16.51 -10.99
CA SER A 20 13.41 16.14 -10.44
C SER A 20 13.19 15.48 -9.08
N ILE A 21 13.88 14.38 -8.85
CA ILE A 21 13.76 13.68 -7.58
C ILE A 21 15.17 13.60 -7.03
N SER A 22 15.33 13.94 -5.77
CA SER A 22 16.65 13.90 -5.15
C SER A 22 16.83 12.66 -4.28
N CYS A 23 18.05 12.13 -4.28
CA CYS A 23 18.41 10.98 -3.49
C CYS A 23 19.77 11.29 -2.88
N ARG A 24 19.87 11.22 -1.56
CA ARG A 24 21.13 11.52 -0.90
C ARG A 24 21.47 10.37 0.03
N SER A 25 22.75 10.02 0.08
CA SER A 25 23.18 8.93 0.92
C SER A 25 23.92 9.50 2.13
N SER A 26 23.87 8.78 3.24
CA SER A 26 24.53 9.19 4.47
C SER A 26 26.06 9.04 4.39
N GLN A 27 26.53 8.31 3.38
CA GLN A 27 27.97 8.11 3.17
C GLN A 27 28.25 7.98 1.67
N THR A 28 29.50 8.13 1.26
CA THR A 28 29.87 8.03 -0.15
C THR A 28 29.46 6.69 -0.75
N ILE A 29 28.88 6.75 -1.94
CA ILE A 29 28.41 5.56 -2.66
C ILE A 29 29.50 5.06 -3.61
N VAL A 30 30.65 5.73 -3.62
CA VAL A 30 31.74 5.30 -4.48
C VAL A 30 32.31 4.00 -3.90
N HIS A 31 32.38 2.98 -4.74
CA HIS A 31 32.89 1.66 -4.35
C HIS A 31 34.43 1.67 -4.39
N SER A 32 35.07 0.70 -3.74
CA SER A 32 36.54 0.64 -3.74
C SER A 32 37.13 0.55 -5.15
N ASN A 33 36.34 0.05 -6.11
CA ASN A 33 36.83 -0.05 -7.48
C ASN A 33 36.69 1.25 -8.27
N GLY A 34 36.18 2.29 -7.63
CA GLY A 34 36.04 3.57 -8.29
C GLY A 34 34.70 3.91 -8.92
N ASP A 35 33.81 2.92 -9.05
CA ASP A 35 32.48 3.13 -9.63
C ASP A 35 31.40 3.43 -8.59
N THR A 36 30.31 4.03 -9.03
CA THR A 36 29.21 4.37 -8.11
C THR A 36 27.97 3.61 -8.53
N TYR A 37 27.54 2.67 -7.70
CA TYR A 37 26.38 1.86 -8.01
C TYR A 37 25.10 2.44 -7.46
N LEU A 38 24.67 3.53 -8.07
CA LEU A 38 23.46 4.20 -7.67
C LEU A 38 22.47 3.94 -8.79
N ASP A 39 21.39 3.22 -8.48
CA ASP A 39 20.40 2.89 -9.49
C ASP A 39 19.05 3.49 -9.14
N TRP A 40 18.18 3.65 -10.14
CA TRP A 40 16.84 4.18 -9.93
C TRP A 40 15.81 3.21 -10.50
N PHE A 41 14.74 2.99 -9.74
CA PHE A 41 13.67 2.09 -10.14
C PHE A 41 12.34 2.82 -10.09
N LEU A 42 11.42 2.38 -10.94
CA LEU A 42 10.07 2.92 -10.98
C LEU A 42 9.12 1.76 -10.68
N GLN A 43 8.23 1.92 -9.71
CA GLN A 43 7.28 0.87 -9.43
C GLN A 43 5.87 1.40 -9.63
N LYS A 44 5.12 0.77 -10.53
CA LYS A 44 3.75 1.19 -10.76
C LYS A 44 2.87 0.28 -9.88
N PRO A 45 1.64 0.72 -9.57
CA PRO A 45 0.72 -0.06 -8.74
C PRO A 45 0.48 -1.49 -9.21
N GLY A 46 0.65 -2.44 -8.29
CA GLY A 46 0.44 -3.83 -8.59
C GLY A 46 1.54 -4.46 -9.44
N GLN A 47 2.61 -3.71 -9.65
CA GLN A 47 3.72 -4.17 -10.47
C GLN A 47 5.01 -4.27 -9.67
N SER A 48 5.98 -4.99 -10.23
CA SER A 48 7.29 -5.14 -9.60
C SER A 48 8.11 -3.93 -10.01
N PRO A 49 9.17 -3.60 -9.25
CA PRO A 49 9.98 -2.44 -9.65
C PRO A 49 10.62 -2.73 -10.99
N LYS A 50 10.96 -1.67 -11.74
CA LYS A 50 11.59 -1.84 -13.03
C LYS A 50 12.75 -0.87 -13.07
N LEU A 51 13.90 -1.35 -13.52
CA LEU A 51 15.11 -0.54 -13.58
C LEU A 51 14.99 0.56 -14.63
N LEU A 52 15.42 1.77 -14.27
CA LEU A 52 15.38 2.89 -15.19
C LEU A 52 16.80 3.37 -15.52
N ILE A 53 17.55 3.65 -14.46
CA ILE A 53 18.91 4.16 -14.58
C ILE A 53 19.83 3.35 -13.69
N TYR A 54 21.00 3.01 -14.18
CA TYR A 54 21.95 2.29 -13.35
C TYR A 54 23.30 2.96 -13.36
N LYS A 55 24.01 2.81 -12.25
CA LYS A 55 25.35 3.37 -12.08
C LYS A 55 25.36 4.87 -12.41
N VAL A 56 24.46 5.56 -11.70
CA VAL A 56 24.23 6.99 -11.77
C VAL A 56 23.57 7.62 -12.99
N SER A 57 24.04 7.30 -14.19
CA SER A 57 23.53 7.96 -15.39
C SER A 57 23.23 7.10 -16.60
N ASN A 58 23.46 5.80 -16.49
CA ASN A 58 23.23 4.89 -17.60
C ASN A 58 21.80 4.40 -17.72
N ARG A 59 21.16 4.74 -18.83
CA ARG A 59 19.77 4.33 -19.02
C ARG A 59 19.71 2.86 -19.41
N PHE A 60 18.78 2.15 -18.78
CA PHE A 60 18.60 0.74 -19.03
C PHE A 60 17.85 0.54 -20.34
N SER A 61 18.00 -0.63 -20.93
CA SER A 61 17.34 -0.95 -22.20
C SER A 61 15.85 -0.64 -22.24
N GLY A 62 15.42 0.04 -23.30
CA GLY A 62 14.01 0.35 -23.45
C GLY A 62 13.47 1.53 -22.66
N VAL A 63 14.30 2.14 -21.82
CA VAL A 63 13.83 3.28 -21.05
C VAL A 63 13.92 4.52 -21.93
N PRO A 64 12.83 5.30 -22.04
CA PRO A 64 12.89 6.48 -22.88
C PRO A 64 13.91 7.50 -22.42
N ASP A 65 14.48 8.22 -23.39
CA ASP A 65 15.49 9.23 -23.13
C ASP A 65 14.99 10.38 -22.27
N ARG A 66 13.69 10.40 -21.97
CA ARG A 66 13.14 11.44 -21.13
C ARG A 66 13.70 11.29 -19.71
N PHE A 67 14.20 10.10 -19.37
CA PHE A 67 14.77 9.88 -18.06
C PHE A 67 16.28 10.10 -18.07
N SER A 68 16.77 10.85 -17.09
CA SER A 68 18.19 11.15 -16.96
C SER A 68 18.60 11.02 -15.50
N GLY A 69 19.80 10.55 -15.26
CA GLY A 69 20.29 10.41 -13.90
C GLY A 69 21.61 11.16 -13.82
N SER A 70 21.88 11.75 -12.67
CA SER A 70 23.10 12.51 -12.48
C SER A 70 23.45 12.57 -11.01
N GLY A 71 24.63 13.11 -10.72
CA GLY A 71 25.04 13.24 -9.33
C GLY A 71 26.41 12.68 -9.11
N SER A 72 26.87 12.76 -7.87
CA SER A 72 28.17 12.23 -7.53
C SER A 72 28.36 12.13 -6.02
N GLY A 73 29.06 11.09 -5.62
CA GLY A 73 29.38 10.86 -4.22
C GLY A 73 28.23 10.56 -3.29
N THR A 74 27.49 11.59 -2.93
CA THR A 74 26.38 11.44 -1.99
C THR A 74 25.10 12.13 -2.41
N ASP A 75 25.15 12.87 -3.51
CA ASP A 75 23.98 13.59 -3.97
C ASP A 75 23.65 13.18 -5.40
N PHE A 76 22.47 12.62 -5.60
CA PHE A 76 22.05 12.18 -6.92
C PHE A 76 20.69 12.73 -7.30
N THR A 77 20.42 12.78 -8.61
CA THR A 77 19.15 13.33 -9.06
C THR A 77 18.61 12.54 -10.23
N LEU A 78 17.31 12.27 -10.20
CA LEU A 78 16.64 11.59 -11.29
C LEU A 78 15.84 12.72 -11.94
N LYS A 79 16.00 12.90 -13.24
CA LYS A 79 15.28 13.96 -13.92
C LYS A 79 14.37 13.37 -15.00
N ILE A 80 13.13 13.86 -15.06
CA ILE A 80 12.15 13.45 -16.07
C ILE A 80 11.90 14.75 -16.81
N SER A 81 12.38 14.84 -18.05
CA SER A 81 12.27 16.04 -18.87
C SER A 81 10.84 16.42 -19.22
N ARG A 82 9.99 15.42 -19.36
CA ARG A 82 8.59 15.63 -19.69
C ARG A 82 7.82 14.44 -19.14
N VAL A 83 6.94 14.71 -18.18
CA VAL A 83 6.17 13.65 -17.54
C VAL A 83 4.98 13.22 -18.39
N GLU A 84 4.88 11.92 -18.64
CA GLU A 84 3.79 11.33 -19.40
C GLU A 84 2.92 10.58 -18.41
N ALA A 85 1.72 10.23 -18.82
CA ALA A 85 0.78 9.52 -17.96
C ALA A 85 1.38 8.21 -17.43
N GLU A 86 2.10 7.49 -18.28
CA GLU A 86 2.69 6.22 -17.89
C GLU A 86 3.89 6.33 -16.94
N ASP A 87 4.27 7.55 -16.57
CA ASP A 87 5.40 7.74 -15.66
C ASP A 87 4.98 7.79 -14.21
N LEU A 88 3.67 7.83 -13.98
CA LEU A 88 3.15 7.92 -12.62
C LEU A 88 3.40 6.64 -11.82
N GLY A 89 3.94 6.82 -10.62
CA GLY A 89 4.22 5.67 -9.77
C GLY A 89 5.18 6.09 -8.68
N VAL A 90 5.83 5.11 -8.05
CA VAL A 90 6.78 5.43 -7.00
C VAL A 90 8.19 5.19 -7.48
N TYR A 91 9.03 6.20 -7.33
CA TYR A 91 10.42 6.07 -7.75
C TYR A 91 11.30 5.79 -6.56
N TYR A 92 12.24 4.86 -6.74
CA TYR A 92 13.16 4.53 -5.66
C TYR A 92 14.61 4.58 -6.12
N CYS A 93 15.50 5.18 -5.33
CA CYS A 93 16.92 5.10 -5.67
C CYS A 93 17.45 3.95 -4.84
N PHE A 94 18.60 3.43 -5.24
CA PHE A 94 19.17 2.27 -4.60
C PHE A 94 20.68 2.33 -4.68
N GLN A 95 21.37 2.02 -3.59
CA GLN A 95 22.82 1.99 -3.66
C GLN A 95 23.18 0.53 -3.50
N GLY A 96 24.00 0.02 -4.41
CA GLY A 96 24.41 -1.35 -4.33
C GLY A 96 25.92 -1.43 -4.22
N SER A 97 26.54 -0.35 -3.74
CA SER A 97 27.99 -0.31 -3.59
C SER A 97 28.46 -1.00 -2.31
N HIS A 98 27.74 -0.75 -1.23
CA HIS A 98 28.09 -1.30 0.08
C HIS A 98 27.05 -2.26 0.64
N VAL A 99 27.53 -3.30 1.33
CA VAL A 99 26.66 -4.29 1.94
C VAL A 99 26.24 -3.69 3.28
N PRO A 100 24.93 -3.69 3.58
CA PRO A 100 23.85 -4.22 2.74
C PRO A 100 23.36 -3.17 1.75
N PRO A 101 23.02 -3.60 0.53
CA PRO A 101 22.51 -2.65 -0.47
C PRO A 101 21.23 -2.09 0.16
N THR A 102 20.97 -0.81 -0.03
CA THR A 102 19.78 -0.21 0.57
C THR A 102 19.00 0.66 -0.43
N PHE A 103 17.70 0.72 -0.22
CA PHE A 103 16.81 1.52 -1.07
C PHE A 103 16.39 2.78 -0.32
N GLY A 104 16.07 3.82 -1.09
CA GLY A 104 15.57 5.05 -0.50
C GLY A 104 14.12 4.81 -0.19
N GLY A 105 13.47 5.69 0.57
CA GLY A 105 12.07 5.48 0.93
C GLY A 105 11.01 5.63 -0.14
N GLY A 106 11.40 6.10 -1.31
CA GLY A 106 10.43 6.26 -2.39
C GLY A 106 9.87 7.66 -2.54
N THR A 107 9.59 8.03 -3.79
CA THR A 107 9.02 9.32 -4.13
C THR A 107 7.82 9.06 -5.02
N LYS A 108 6.64 9.46 -4.57
CA LYS A 108 5.45 9.24 -5.38
C LYS A 108 5.24 10.42 -6.33
N LEU A 109 5.16 10.12 -7.62
CA LEU A 109 4.93 11.16 -8.62
C LEU A 109 3.42 11.13 -8.77
N GLU A 110 2.75 12.22 -8.40
CA GLU A 110 1.31 12.28 -8.48
C GLU A 110 0.85 13.38 -9.41
N ILE A 111 -0.45 13.36 -9.73
CA ILE A 111 -1.04 14.35 -10.60
C ILE A 111 -1.52 15.55 -9.83
N LYS A 112 -1.05 16.72 -10.24
CA LYS A 112 -1.44 17.95 -9.58
C LYS A 112 -2.80 18.33 -10.14
N ARG A 113 -3.67 18.81 -9.28
CA ARG A 113 -4.99 19.22 -9.70
C ARG A 113 -5.40 20.31 -8.73
N ALA A 114 -6.52 20.96 -8.99
CA ALA A 114 -6.98 22.03 -8.12
C ALA A 114 -7.38 21.52 -6.74
N ASP A 115 -7.27 22.39 -5.74
CA ASP A 115 -7.67 22.02 -4.38
C ASP A 115 -9.16 21.70 -4.37
N ALA A 116 -9.54 20.70 -3.57
CA ALA A 116 -10.93 20.30 -3.43
C ALA A 116 -11.20 19.96 -1.96
N ALA A 117 -12.27 20.55 -1.42
CA ALA A 117 -12.62 20.30 -0.04
C ALA A 117 -13.25 18.91 0.07
N PRO A 118 -13.10 18.27 1.23
CA PRO A 118 -13.71 16.96 1.34
C PRO A 118 -15.23 17.01 1.50
N THR A 119 -15.91 15.98 1.01
CA THR A 119 -17.36 15.88 1.19
C THR A 119 -17.37 14.87 2.35
N VAL A 120 -17.81 15.31 3.51
CA VAL A 120 -17.82 14.47 4.70
C VAL A 120 -19.15 13.86 5.06
N SER A 121 -19.16 12.56 5.34
CA SER A 121 -20.38 11.85 5.72
C SER A 121 -20.10 11.09 6.99
N ILE A 122 -21.04 11.12 7.92
CA ILE A 122 -20.83 10.39 9.16
C ILE A 122 -21.96 9.38 9.36
N PHE A 123 -21.61 8.22 9.86
CA PHE A 123 -22.60 7.17 10.03
C PHE A 123 -22.68 6.62 11.44
N PRO A 124 -23.89 6.60 12.00
CA PRO A 124 -24.03 6.06 13.35
C PRO A 124 -23.86 4.55 13.26
N PRO A 125 -23.64 3.88 14.40
CA PRO A 125 -23.47 2.43 14.40
C PRO A 125 -24.77 1.76 13.93
N SER A 126 -24.65 0.71 13.12
CA SER A 126 -25.85 0.02 12.66
C SER A 126 -26.49 -0.73 13.81
N SER A 127 -27.79 -1.01 13.71
CA SER A 127 -28.48 -1.74 14.75
C SER A 127 -27.87 -3.14 14.88
N GLU A 128 -27.46 -3.72 13.76
CA GLU A 128 -26.86 -5.07 13.76
C GLU A 128 -25.57 -5.12 14.55
N GLN A 129 -24.75 -4.08 14.46
CA GLN A 129 -23.50 -4.09 15.20
C GLN A 129 -23.74 -3.94 16.70
N LEU A 130 -24.70 -3.09 17.05
CA LEU A 130 -25.00 -2.86 18.45
C LEU A 130 -25.43 -4.15 19.13
N THR A 131 -26.11 -5.01 18.38
CA THR A 131 -26.60 -6.29 18.90
C THR A 131 -25.47 -7.18 19.39
N SER A 132 -24.32 -7.09 18.71
CA SER A 132 -23.16 -7.89 19.07
C SER A 132 -22.30 -7.19 20.12
N GLY A 133 -22.83 -6.11 20.68
CA GLY A 133 -22.10 -5.39 21.72
C GLY A 133 -21.05 -4.38 21.27
N GLY A 134 -21.02 -4.06 19.98
CA GLY A 134 -20.03 -3.10 19.51
C GLY A 134 -20.67 -1.85 18.94
N ALA A 135 -19.86 -0.83 18.70
CA ALA A 135 -20.36 0.41 18.15
C ALA A 135 -19.29 1.16 17.36
N SER A 136 -19.41 1.15 16.04
CA SER A 136 -18.46 1.85 15.19
C SER A 136 -19.13 3.05 14.55
N VAL A 137 -18.52 4.22 14.71
CA VAL A 137 -19.04 5.42 14.09
C VAL A 137 -18.08 5.62 12.93
N VAL A 138 -18.64 5.80 11.75
CA VAL A 138 -17.83 5.94 10.56
C VAL A 138 -17.95 7.30 9.93
N CYS A 139 -16.80 7.79 9.46
CA CYS A 139 -16.71 9.06 8.80
C CYS A 139 -15.98 8.87 7.47
N PHE A 140 -16.59 9.24 6.35
CA PHE A 140 -15.94 9.16 5.05
C PHE A 140 -15.62 10.58 4.67
N LEU A 141 -14.41 10.81 4.17
CA LEU A 141 -14.00 12.13 3.72
C LEU A 141 -13.61 11.86 2.28
N ASN A 142 -14.49 12.22 1.36
CA ASN A 142 -14.23 11.91 -0.03
C ASN A 142 -13.93 13.01 -1.01
N ASN A 143 -13.20 12.62 -2.05
CA ASN A 143 -12.86 13.49 -3.17
C ASN A 143 -12.22 14.81 -2.80
N PHE A 144 -11.12 14.76 -2.07
CA PHE A 144 -10.46 15.99 -1.69
C PHE A 144 -9.04 16.01 -2.24
N TYR A 145 -8.44 17.19 -2.21
CA TYR A 145 -7.08 17.36 -2.71
C TYR A 145 -6.54 18.68 -2.13
N PRO A 146 -5.26 18.71 -1.68
CA PRO A 146 -4.27 17.63 -1.67
C PRO A 146 -4.57 16.53 -0.64
N LYS A 147 -3.72 15.52 -0.61
CA LYS A 147 -3.88 14.38 0.30
C LYS A 147 -3.73 14.71 1.78
N ASP A 148 -2.97 15.75 2.10
CA ASP A 148 -2.72 16.14 3.48
C ASP A 148 -4.01 16.53 4.18
N ILE A 149 -4.39 15.78 5.22
CA ILE A 149 -5.60 16.08 5.94
C ILE A 149 -5.45 15.49 7.32
N ASN A 150 -6.02 16.15 8.32
CA ASN A 150 -5.97 15.67 9.68
C ASN A 150 -7.38 15.50 10.18
N VAL A 151 -7.72 14.29 10.62
CA VAL A 151 -9.05 14.03 11.11
C VAL A 151 -9.01 13.73 12.60
N LYS A 152 -9.91 14.36 13.34
CA LYS A 152 -9.99 14.12 14.76
C LYS A 152 -11.41 13.78 15.16
N TRP A 153 -11.54 12.86 16.09
CA TRP A 153 -12.85 12.50 16.61
C TRP A 153 -13.02 13.16 17.96
N LYS A 154 -14.20 13.71 18.19
CA LYS A 154 -14.51 14.32 19.48
C LYS A 154 -15.80 13.64 19.97
N ILE A 155 -15.79 13.22 21.22
CA ILE A 155 -16.96 12.60 21.83
C ILE A 155 -17.38 13.60 22.89
N ASP A 156 -18.55 14.22 22.68
CA ASP A 156 -19.06 15.25 23.57
C ASP A 156 -18.01 16.33 23.85
N GLY A 157 -17.38 16.83 22.80
CA GLY A 157 -16.38 17.90 22.94
C GLY A 157 -14.98 17.53 23.39
N SER A 158 -14.72 16.24 23.56
CA SER A 158 -13.41 15.75 23.99
C SER A 158 -12.78 14.83 22.94
N GLU A 159 -11.51 15.08 22.60
CA GLU A 159 -10.82 14.28 21.59
C GLU A 159 -10.56 12.84 22.02
N ARG A 160 -10.65 11.94 21.05
CA ARG A 160 -10.42 10.54 21.28
C ARG A 160 -9.80 9.95 20.00
N GLN A 161 -8.62 9.35 20.12
CA GLN A 161 -7.92 8.74 18.99
C GLN A 161 -7.86 7.22 19.17
N ASN A 162 -7.91 6.76 20.41
CA ASN A 162 -7.87 5.33 20.71
C ASN A 162 -9.10 4.66 20.08
N GLY A 163 -8.86 3.57 19.36
CA GLY A 163 -9.95 2.86 18.72
C GLY A 163 -10.30 3.42 17.35
N VAL A 164 -9.46 4.32 16.84
CA VAL A 164 -9.72 4.91 15.53
C VAL A 164 -8.89 4.24 14.44
N LEU A 165 -9.54 3.90 13.34
CA LEU A 165 -8.89 3.27 12.19
C LEU A 165 -9.06 4.18 11.00
N ASN A 166 -7.93 4.60 10.44
CA ASN A 166 -7.92 5.49 9.29
C ASN A 166 -7.38 4.78 8.07
N SER A 167 -7.98 5.04 6.92
CA SER A 167 -7.50 4.45 5.69
C SER A 167 -7.70 5.44 4.57
N TRP A 168 -6.71 5.51 3.68
CA TRP A 168 -6.73 6.44 2.55
C TRP A 168 -6.68 5.70 1.22
N THR A 169 -7.40 6.20 0.22
CA THR A 169 -7.36 5.59 -1.09
C THR A 169 -6.19 6.22 -1.85
N ASP A 170 -5.78 5.60 -2.94
CA ASP A 170 -4.72 6.15 -3.76
C ASP A 170 -5.41 7.23 -4.59
N GLN A 171 -4.65 7.97 -5.38
CA GLN A 171 -5.25 9.03 -6.18
C GLN A 171 -6.23 8.45 -7.21
N ASP A 172 -7.43 9.02 -7.26
CA ASP A 172 -8.45 8.55 -8.19
C ASP A 172 -8.05 8.85 -9.63
N SER A 173 -7.96 7.81 -10.46
CA SER A 173 -7.58 7.98 -11.86
C SER A 173 -8.61 8.76 -12.65
N LYS A 174 -9.78 8.97 -12.06
CA LYS A 174 -10.86 9.70 -12.73
C LYS A 174 -10.77 11.21 -12.49
N ASP A 175 -10.78 11.62 -11.22
CA ASP A 175 -10.72 13.06 -10.89
C ASP A 175 -9.48 13.48 -10.10
N SER A 176 -8.50 12.58 -10.02
CA SER A 176 -7.24 12.84 -9.34
C SER A 176 -7.34 13.26 -7.88
N THR A 177 -8.47 12.94 -7.25
CA THR A 177 -8.68 13.27 -5.84
C THR A 177 -8.35 12.07 -4.96
N TYR A 178 -8.36 12.33 -3.66
CA TYR A 178 -8.09 11.31 -2.67
C TYR A 178 -9.33 11.16 -1.84
N SER A 179 -9.45 10.02 -1.15
CA SER A 179 -10.58 9.80 -0.27
C SER A 179 -10.07 9.16 1.01
N MET A 180 -10.82 9.35 2.10
CA MET A 180 -10.43 8.81 3.38
C MET A 180 -11.58 8.30 4.22
N SER A 181 -11.31 7.23 4.94
CA SER A 181 -12.31 6.65 5.82
C SER A 181 -11.71 6.65 7.20
N SER A 182 -12.52 7.02 8.17
CA SER A 182 -12.08 7.06 9.56
C SER A 182 -13.17 6.38 10.39
N THR A 183 -12.80 5.34 11.12
CA THR A 183 -13.75 4.60 11.94
C THR A 183 -13.39 4.64 13.40
N LEU A 184 -14.35 5.07 14.21
CA LEU A 184 -14.14 5.13 15.65
C LEU A 184 -14.92 3.96 16.22
N THR A 185 -14.21 3.04 16.86
CA THR A 185 -14.88 1.88 17.44
C THR A 185 -14.86 1.94 18.96
N LEU A 186 -16.05 1.83 19.54
CA LEU A 186 -16.25 1.88 20.98
C LEU A 186 -17.11 0.67 21.39
N THR A 187 -17.18 0.40 22.69
CA THR A 187 -18.03 -0.70 23.14
C THR A 187 -19.44 -0.11 23.17
N LYS A 188 -20.45 -0.97 23.08
CA LYS A 188 -21.83 -0.52 23.12
C LYS A 188 -22.02 0.31 24.38
N ASP A 189 -21.43 -0.16 25.47
CA ASP A 189 -21.50 0.54 26.75
C ASP A 189 -21.01 1.97 26.66
N GLU A 190 -19.81 2.13 26.11
CA GLU A 190 -19.23 3.44 25.96
C GLU A 190 -20.07 4.34 25.05
N TYR A 191 -20.50 3.79 23.92
CA TYR A 191 -21.31 4.54 22.96
C TYR A 191 -22.60 5.12 23.52
N GLU A 192 -23.33 4.35 24.32
CA GLU A 192 -24.59 4.87 24.86
C GLU A 192 -24.39 5.76 26.06
N ARG A 193 -23.13 5.96 26.42
CA ARG A 193 -22.76 6.81 27.55
C ARG A 193 -22.60 8.26 27.10
N HIS A 194 -22.38 8.47 25.81
CA HIS A 194 -22.19 9.82 25.27
C HIS A 194 -23.27 10.16 24.25
N ASN A 195 -23.42 11.44 23.94
CA ASN A 195 -24.45 11.86 23.01
C ASN A 195 -23.95 12.42 21.68
N SER A 196 -22.91 13.23 21.70
CA SER A 196 -22.38 13.83 20.47
C SER A 196 -21.11 13.20 19.95
N TYR A 197 -21.15 12.82 18.67
CA TYR A 197 -20.02 12.21 18.01
C TYR A 197 -19.66 13.08 16.85
N THR A 198 -18.45 13.59 16.90
CA THR A 198 -17.98 14.51 15.89
C THR A 198 -16.75 14.06 15.14
N CYS A 199 -16.82 14.16 13.82
CA CYS A 199 -15.72 13.86 12.91
C CYS A 199 -15.26 15.25 12.50
N GLU A 200 -14.02 15.59 12.82
CA GLU A 200 -13.51 16.93 12.50
C GLU A 200 -12.28 16.85 11.59
N ALA A 201 -12.37 17.47 10.43
CA ALA A 201 -11.28 17.46 9.46
C ALA A 201 -10.63 18.81 9.23
N THR A 202 -9.30 18.84 9.28
CA THR A 202 -8.56 20.06 9.03
C THR A 202 -7.90 19.88 7.68
N HIS A 203 -8.26 20.74 6.76
CA HIS A 203 -7.75 20.69 5.39
C HIS A 203 -7.45 22.13 4.95
N LYS A 204 -6.41 22.31 4.15
CA LYS A 204 -6.02 23.64 3.67
C LYS A 204 -7.10 24.42 2.93
N THR A 205 -8.16 23.74 2.51
CA THR A 205 -9.24 24.42 1.78
C THR A 205 -10.13 25.29 2.65
N SER A 206 -10.00 25.19 3.97
CA SER A 206 -10.80 26.01 4.87
C SER A 206 -9.97 26.41 6.07
N THR A 207 -10.20 27.63 6.57
CA THR A 207 -9.45 28.10 7.74
C THR A 207 -9.97 27.49 9.03
N SER A 208 -11.19 26.97 8.99
CA SER A 208 -11.78 26.32 10.16
C SER A 208 -12.03 24.87 9.81
N PRO A 209 -12.05 23.99 10.82
CA PRO A 209 -12.28 22.58 10.55
C PRO A 209 -13.61 22.25 9.89
N ILE A 210 -13.63 21.20 9.10
CA ILE A 210 -14.85 20.72 8.45
C ILE A 210 -15.41 19.75 9.46
N VAL A 211 -16.57 20.08 10.02
CA VAL A 211 -17.19 19.28 11.06
C VAL A 211 -18.51 18.63 10.67
N LYS A 212 -18.63 17.35 10.92
CA LYS A 212 -19.86 16.63 10.67
C LYS A 212 -20.15 15.97 11.99
N SER A 213 -21.36 16.16 12.49
CA SER A 213 -21.75 15.61 13.77
C SER A 213 -23.04 14.82 13.81
N PHE A 214 -23.07 13.89 14.73
CA PHE A 214 -24.20 13.01 14.93
C PHE A 214 -24.55 13.04 16.43
N ASN A 215 -25.73 13.56 16.74
CA ASN A 215 -26.22 13.66 18.11
C ASN A 215 -27.35 12.67 18.31
N ARG A 216 -27.13 11.70 19.19
CA ARG A 216 -28.12 10.67 19.44
C ARG A 216 -29.48 11.21 19.88
N ASN A 217 -29.47 12.26 20.71
CA ASN A 217 -30.72 12.85 21.19
C ASN A 217 -31.58 13.39 20.06
N GLU A 218 -30.96 13.68 18.92
CA GLU A 218 -31.67 14.21 17.77
C GLU A 218 -32.13 13.15 16.79
N CYS A 219 -31.88 11.89 17.11
CA CYS A 219 -32.28 10.80 16.21
C CYS A 219 -33.80 10.67 16.16
N GLU B 1 12.35 -15.29 -23.65
CA GLU B 1 11.56 -15.91 -22.54
C GLU B 1 12.14 -15.57 -21.17
N VAL B 2 12.77 -14.41 -21.05
CA VAL B 2 13.36 -14.02 -19.77
C VAL B 2 12.27 -13.68 -18.76
N LYS B 3 12.04 -14.58 -17.81
CA LYS B 3 11.02 -14.38 -16.80
C LYS B 3 11.42 -15.04 -15.48
N LEU B 4 10.94 -14.49 -14.38
CA LEU B 4 11.22 -15.03 -13.06
C LEU B 4 9.85 -15.23 -12.43
N VAL B 5 9.62 -16.41 -11.87
CA VAL B 5 8.34 -16.70 -11.24
C VAL B 5 8.53 -17.27 -9.84
N GLU B 6 8.09 -16.51 -8.85
CA GLU B 6 8.20 -16.90 -7.44
C GLU B 6 6.98 -17.69 -7.00
N SER B 7 7.18 -18.60 -6.05
CA SER B 7 6.08 -19.37 -5.49
C SER B 7 6.46 -19.77 -4.07
N GLY B 8 5.48 -20.25 -3.31
CA GLY B 8 5.79 -20.68 -1.95
C GLY B 8 5.31 -19.74 -0.86
N GLY B 9 4.76 -18.60 -1.24
CA GLY B 9 4.29 -17.67 -0.23
C GLY B 9 3.02 -18.12 0.45
N GLY B 10 2.66 -17.45 1.54
CA GLY B 10 1.44 -17.80 2.25
C GLY B 10 1.48 -17.35 3.70
N LEU B 11 0.60 -17.94 4.50
CA LEU B 11 0.50 -17.61 5.92
C LEU B 11 1.29 -18.60 6.78
N VAL B 12 2.00 -18.04 7.75
CA VAL B 12 2.80 -18.84 8.68
C VAL B 12 2.78 -18.14 10.04
N LYS B 13 2.84 -18.91 11.12
CA LYS B 13 2.81 -18.32 12.45
C LYS B 13 4.21 -17.88 12.84
N PRO B 14 4.31 -16.89 13.74
CA PRO B 14 5.66 -16.46 14.13
C PRO B 14 6.44 -17.68 14.63
N GLY B 15 7.73 -17.74 14.30
CA GLY B 15 8.56 -18.86 14.72
C GLY B 15 8.54 -19.98 13.69
N GLY B 16 7.63 -19.86 12.73
CA GLY B 16 7.47 -20.87 11.70
C GLY B 16 8.52 -20.81 10.60
N SER B 17 8.36 -21.71 9.63
CA SER B 17 9.28 -21.80 8.51
C SER B 17 8.57 -21.84 7.18
N LEU B 18 9.26 -21.42 6.13
CA LEU B 18 8.67 -21.42 4.80
C LEU B 18 9.79 -21.43 3.75
N LYS B 19 9.53 -22.07 2.62
CA LYS B 19 10.54 -22.09 1.57
C LYS B 19 9.96 -21.49 0.30
N LEU B 20 10.60 -20.44 -0.19
CA LEU B 20 10.16 -19.79 -1.41
C LEU B 20 11.01 -20.31 -2.53
N SER B 21 10.46 -20.31 -3.73
CA SER B 21 11.17 -20.78 -4.90
C SER B 21 11.03 -19.71 -5.96
N CYS B 22 12.00 -19.64 -6.85
CA CYS B 22 11.97 -18.66 -7.94
C CYS B 22 12.50 -19.40 -9.15
N ALA B 23 11.62 -19.65 -10.11
CA ALA B 23 11.94 -20.38 -11.34
C ALA B 23 12.38 -19.44 -12.42
N ALA B 24 13.55 -19.69 -12.99
CA ALA B 24 14.06 -18.81 -14.03
C ALA B 24 14.04 -19.46 -15.40
N SER B 25 13.75 -18.67 -16.43
CA SER B 25 13.74 -19.17 -17.79
C SER B 25 14.05 -18.03 -18.74
N GLY B 26 14.61 -18.37 -19.89
CA GLY B 26 14.94 -17.35 -20.87
C GLY B 26 16.39 -16.92 -20.85
N PHE B 27 17.15 -17.42 -19.89
CA PHE B 27 18.57 -17.06 -19.80
C PHE B 27 19.39 -18.15 -19.13
N THR B 28 20.70 -18.08 -19.33
CA THR B 28 21.57 -19.07 -18.73
C THR B 28 21.69 -18.70 -17.26
N PHE B 29 20.78 -19.25 -16.48
CA PHE B 29 20.71 -19.02 -15.04
C PHE B 29 22.05 -19.06 -14.33
N SER B 30 22.85 -20.08 -14.64
CA SER B 30 24.14 -20.23 -13.99
C SER B 30 25.16 -19.09 -14.10
N ASN B 31 25.09 -18.29 -15.15
CA ASN B 31 26.05 -17.18 -15.34
C ASN B 31 25.67 -15.86 -14.65
N TYR B 32 24.67 -15.88 -13.77
CA TYR B 32 24.25 -14.65 -13.10
C TYR B 32 24.06 -14.74 -11.61
N ALA B 33 24.31 -13.62 -10.93
CA ALA B 33 24.08 -13.52 -9.49
C ALA B 33 22.56 -13.37 -9.42
N MET B 34 21.97 -13.73 -8.29
CA MET B 34 20.53 -13.63 -8.11
C MET B 34 20.30 -13.01 -6.74
N SER B 35 19.12 -12.43 -6.54
CA SER B 35 18.87 -11.83 -5.25
C SER B 35 17.40 -11.91 -4.84
N TRP B 36 17.14 -11.86 -3.54
CA TRP B 36 15.77 -11.80 -3.06
C TRP B 36 15.65 -10.40 -2.46
N VAL B 37 14.56 -9.71 -2.80
CA VAL B 37 14.28 -8.37 -2.30
C VAL B 37 12.84 -8.46 -1.77
N ARG B 38 12.57 -7.83 -0.62
CA ARG B 38 11.21 -7.88 -0.07
C ARG B 38 10.65 -6.48 0.03
N GLN B 39 9.33 -6.38 -0.03
CA GLN B 39 8.65 -5.09 0.09
C GLN B 39 7.63 -5.21 1.20
N THR B 40 7.83 -4.44 2.26
CA THR B 40 6.93 -4.49 3.41
C THR B 40 5.56 -3.92 3.07
N PRO B 41 4.57 -4.15 3.94
CA PRO B 41 3.20 -3.65 3.73
C PRO B 41 3.21 -2.13 3.67
N GLU B 42 4.24 -1.53 4.27
CA GLU B 42 4.40 -0.09 4.26
C GLU B 42 5.13 0.35 2.98
N LYS B 43 5.33 -0.59 2.07
CA LYS B 43 5.99 -0.36 0.78
C LYS B 43 7.50 -0.05 0.82
N ARG B 44 8.15 -0.36 1.93
CA ARG B 44 9.59 -0.14 2.06
C ARG B 44 10.30 -1.32 1.37
N LEU B 45 11.29 -1.00 0.54
CA LEU B 45 12.05 -2.05 -0.15
C LEU B 45 13.28 -2.38 0.66
N GLU B 46 13.55 -3.67 0.81
CA GLU B 46 14.68 -4.14 1.59
C GLU B 46 15.33 -5.31 0.91
N TRP B 47 16.64 -5.19 0.65
CA TRP B 47 17.41 -6.26 0.03
C TRP B 47 17.57 -7.34 1.11
N VAL B 48 17.43 -8.62 0.74
CA VAL B 48 17.53 -9.71 1.70
C VAL B 48 18.81 -10.51 1.56
N VAL B 49 19.14 -10.87 0.33
CA VAL B 49 20.33 -11.67 0.07
C VAL B 49 20.73 -11.63 -1.40
N SER B 50 22.00 -11.84 -1.65
CA SER B 50 22.51 -11.93 -3.02
C SER B 50 23.41 -13.17 -3.04
N ILE B 51 23.31 -13.96 -4.09
CA ILE B 51 24.16 -15.13 -4.27
C ILE B 51 24.81 -14.93 -5.64
N SER B 52 26.14 -14.81 -5.67
CA SER B 52 26.81 -14.55 -6.94
C SER B 52 26.84 -15.78 -7.85
N SER B 53 27.28 -15.60 -9.09
CA SER B 53 27.34 -16.71 -10.03
C SER B 53 28.29 -17.78 -9.52
N GLY B 54 29.35 -17.35 -8.84
CA GLY B 54 30.32 -18.29 -8.31
C GLY B 54 29.89 -18.88 -6.98
N GLY B 55 28.80 -18.38 -6.43
CA GLY B 55 28.29 -18.90 -5.17
C GLY B 55 28.58 -18.10 -3.91
N SER B 56 29.19 -16.91 -4.06
CA SER B 56 29.47 -16.09 -2.88
C SER B 56 28.12 -15.61 -2.37
N ILE B 57 27.90 -15.69 -1.06
CA ILE B 57 26.61 -15.28 -0.45
C ILE B 57 26.70 -14.09 0.48
N TYR B 58 25.75 -13.16 0.32
CA TYR B 58 25.70 -11.95 1.15
C TYR B 58 24.28 -11.82 1.70
N TYR B 59 24.17 -11.74 3.03
CA TYR B 59 22.86 -11.63 3.70
C TYR B 59 22.65 -10.32 4.41
N LEU B 60 21.39 -9.95 4.53
CA LEU B 60 21.05 -8.77 5.31
C LEU B 60 21.30 -9.27 6.74
N ASP B 61 21.90 -8.44 7.58
CA ASP B 61 22.20 -8.84 8.97
C ASP B 61 21.03 -9.43 9.75
N SER B 62 19.83 -8.85 9.60
CA SER B 62 18.67 -9.32 10.34
C SER B 62 18.17 -10.72 9.96
N VAL B 63 18.56 -11.23 8.80
CA VAL B 63 18.13 -12.57 8.39
C VAL B 63 19.25 -13.59 8.54
N LYS B 64 20.45 -13.12 8.85
CA LYS B 64 21.59 -14.02 9.02
C LYS B 64 21.27 -15.00 10.14
N GLY B 65 21.49 -16.29 9.89
CA GLY B 65 21.21 -17.27 10.93
C GLY B 65 19.76 -17.68 10.98
N ARG B 66 18.95 -17.15 10.05
CA ARG B 66 17.54 -17.48 9.97
C ARG B 66 17.15 -17.90 8.56
N PHE B 67 17.72 -17.22 7.56
CA PHE B 67 17.43 -17.51 6.16
C PHE B 67 18.60 -18.21 5.48
N THR B 68 18.29 -19.12 4.56
CA THR B 68 19.32 -19.80 3.81
C THR B 68 19.00 -19.72 2.33
N VAL B 69 19.87 -19.10 1.55
CA VAL B 69 19.60 -19.01 0.13
C VAL B 69 20.40 -20.12 -0.55
N SER B 70 19.87 -20.60 -1.67
CA SER B 70 20.57 -21.61 -2.42
C SER B 70 20.06 -21.57 -3.85
N ARG B 71 20.82 -22.20 -4.74
CA ARG B 71 20.45 -22.22 -6.14
C ARG B 71 20.73 -23.57 -6.79
N ASP B 72 19.85 -23.93 -7.71
CA ASP B 72 19.98 -25.18 -8.46
C ASP B 72 20.20 -24.75 -9.91
N ASN B 73 21.45 -24.83 -10.37
CA ASN B 73 21.79 -24.42 -11.72
C ASN B 73 21.38 -25.41 -12.78
N ALA B 74 20.98 -26.60 -12.36
CA ALA B 74 20.56 -27.61 -13.32
C ALA B 74 19.10 -27.31 -13.68
N ARG B 75 18.29 -26.98 -12.67
CA ARG B 75 16.88 -26.68 -12.88
C ARG B 75 16.54 -25.21 -13.00
N ASN B 76 17.55 -24.34 -12.83
CA ASN B 76 17.37 -22.89 -12.91
C ASN B 76 16.34 -22.43 -11.89
N ILE B 77 16.58 -22.77 -10.63
CA ILE B 77 15.69 -22.39 -9.54
C ILE B 77 16.50 -21.79 -8.41
N LEU B 78 15.98 -20.70 -7.83
CA LEU B 78 16.63 -20.03 -6.71
C LEU B 78 15.70 -20.25 -5.51
N TYR B 79 16.27 -20.62 -4.37
CA TYR B 79 15.43 -20.87 -3.20
C TYR B 79 15.74 -19.92 -2.05
N LEU B 80 14.79 -19.77 -1.14
CA LEU B 80 15.04 -18.99 0.05
C LEU B 80 14.29 -19.76 1.14
N GLN B 81 15.06 -20.36 2.04
CA GLN B 81 14.52 -21.13 3.15
C GLN B 81 14.49 -20.22 4.35
N MET B 82 13.29 -19.87 4.79
CA MET B 82 13.13 -18.99 5.92
C MET B 82 12.75 -19.79 7.16
N THR B 83 13.37 -19.46 8.28
CA THR B 83 13.06 -20.13 9.54
C THR B 83 12.97 -19.06 10.61
N SER B 84 12.36 -19.42 11.76
CA SER B 84 12.24 -18.50 12.86
C SER B 84 11.64 -17.17 12.39
N LEU B 85 10.57 -17.26 11.63
CA LEU B 85 9.91 -16.09 11.08
C LEU B 85 9.31 -15.13 12.12
N ARG B 86 9.48 -13.85 11.86
CA ARG B 86 8.99 -12.79 12.74
C ARG B 86 7.92 -12.00 12.00
N SER B 87 7.17 -11.20 12.74
CA SER B 87 6.13 -10.40 12.15
C SER B 87 6.70 -9.47 11.08
N GLU B 88 7.84 -8.85 11.36
CA GLU B 88 8.49 -7.92 10.43
C GLU B 88 9.00 -8.59 9.16
N ASP B 89 8.85 -9.90 9.06
CA ASP B 89 9.29 -10.58 7.85
C ASP B 89 8.10 -10.60 6.91
N THR B 90 6.97 -10.09 7.37
CA THR B 90 5.76 -10.05 6.54
C THR B 90 6.02 -9.08 5.38
N ALA B 91 5.95 -9.60 4.16
CA ALA B 91 6.23 -8.77 2.98
C ALA B 91 5.95 -9.53 1.68
N MET B 92 6.16 -8.82 0.58
CA MET B 92 6.04 -9.40 -0.75
C MET B 92 7.51 -9.69 -1.06
N TYR B 93 7.84 -10.93 -1.39
CA TYR B 93 9.22 -11.30 -1.70
C TYR B 93 9.41 -11.45 -3.19
N PHE B 94 10.37 -10.70 -3.74
CA PHE B 94 10.66 -10.73 -5.18
C PHE B 94 12.02 -11.35 -5.43
N CYS B 95 12.15 -12.19 -6.43
CA CYS B 95 13.51 -12.61 -6.74
C CYS B 95 13.88 -11.67 -7.88
N ALA B 96 15.16 -11.42 -8.04
CA ALA B 96 15.61 -10.52 -9.08
C ALA B 96 16.92 -11.04 -9.63
N ARG B 97 17.13 -10.87 -10.93
CA ARG B 97 18.40 -11.27 -11.50
C ARG B 97 19.30 -10.05 -11.33
N VAL B 98 20.57 -10.29 -11.03
CA VAL B 98 21.55 -9.22 -10.91
C VAL B 98 22.44 -9.39 -12.13
N SER B 99 22.62 -8.34 -12.91
CA SER B 99 23.44 -8.47 -14.11
C SER B 99 24.91 -8.49 -13.71
N HIS B 100 25.31 -9.57 -13.06
CA HIS B 100 26.66 -9.72 -12.56
C HIS B 100 27.17 -11.16 -12.57
N TYR B 101 28.46 -11.30 -12.83
CA TYR B 101 29.12 -12.60 -12.77
C TYR B 101 30.36 -12.28 -11.96
N ASP B 102 30.87 -13.26 -11.25
CA ASP B 102 32.03 -13.05 -10.39
C ASP B 102 33.12 -12.24 -11.09
N GLY B 103 33.54 -11.15 -10.46
CA GLY B 103 34.61 -10.34 -11.04
C GLY B 103 34.17 -9.26 -12.00
N SER B 104 32.87 -9.18 -12.28
CA SER B 104 32.36 -8.15 -13.19
C SER B 104 32.33 -6.82 -12.47
N ARG B 105 32.52 -5.75 -13.23
CA ARG B 105 32.54 -4.40 -12.69
C ARG B 105 31.15 -3.77 -12.74
N ASP B 106 30.17 -4.55 -13.17
CA ASP B 106 28.82 -4.04 -13.20
C ASP B 106 27.85 -4.94 -12.47
N TRP B 107 26.86 -4.35 -11.80
CA TRP B 107 25.85 -5.17 -11.15
C TRP B 107 24.65 -4.28 -10.88
N TYR B 108 23.47 -4.82 -11.17
CA TYR B 108 22.22 -4.10 -10.97
C TYR B 108 21.09 -5.10 -11.24
N PHE B 109 19.91 -4.85 -10.65
CA PHE B 109 18.76 -5.72 -10.81
C PHE B 109 18.10 -5.43 -12.15
N ASP B 110 18.26 -6.31 -13.14
CA ASP B 110 17.64 -6.02 -14.43
C ASP B 110 16.32 -6.73 -14.70
N VAL B 111 16.07 -7.84 -14.00
CA VAL B 111 14.83 -8.58 -14.18
C VAL B 111 14.23 -8.94 -12.82
N TRP B 112 12.93 -8.67 -12.65
CA TRP B 112 12.25 -8.97 -11.39
C TRP B 112 11.06 -9.89 -11.64
N GLY B 113 10.72 -10.69 -10.63
CA GLY B 113 9.60 -11.60 -10.75
C GLY B 113 8.36 -10.81 -10.34
N ALA B 114 7.21 -11.48 -10.29
CA ALA B 114 5.97 -10.82 -9.91
C ALA B 114 5.82 -10.73 -8.38
N GLY B 115 6.58 -11.57 -7.67
CA GLY B 115 6.52 -11.55 -6.22
C GLY B 115 5.59 -12.60 -5.63
N THR B 116 5.85 -12.97 -4.38
CA THR B 116 5.01 -13.94 -3.68
C THR B 116 4.84 -13.38 -2.27
N SER B 117 3.59 -13.37 -1.80
CA SER B 117 3.28 -12.81 -0.49
C SER B 117 3.49 -13.74 0.69
N VAL B 118 4.14 -13.21 1.73
CA VAL B 118 4.42 -13.93 2.96
C VAL B 118 3.78 -13.13 4.09
N THR B 119 2.99 -13.80 4.92
CA THR B 119 2.32 -13.13 6.01
C THR B 119 2.60 -13.89 7.29
N VAL B 120 3.26 -13.24 8.24
CA VAL B 120 3.59 -13.88 9.50
C VAL B 120 2.60 -13.35 10.52
N SER B 121 1.72 -14.25 11.00
CA SER B 121 0.69 -13.87 11.96
C SER B 121 0.16 -15.06 12.77
N SER B 122 -0.22 -14.80 14.02
CA SER B 122 -0.79 -15.83 14.90
C SER B 122 -2.31 -15.91 14.67
N ALA B 123 -2.86 -14.93 13.95
CA ALA B 123 -4.30 -14.90 13.70
C ALA B 123 -4.80 -16.09 12.89
N LYS B 124 -6.04 -16.47 13.12
CA LYS B 124 -6.61 -17.58 12.36
C LYS B 124 -7.72 -17.04 11.47
N THR B 125 -8.03 -17.79 10.43
CA THR B 125 -9.06 -17.40 9.48
C THR B 125 -10.32 -17.04 10.23
N THR B 126 -10.81 -15.85 9.93
CA THR B 126 -11.97 -15.31 10.58
C THR B 126 -12.88 -14.61 9.59
N PRO B 127 -14.12 -15.09 9.43
CA PRO B 127 -15.06 -14.46 8.49
C PRO B 127 -15.36 -13.01 8.91
N PRO B 128 -15.77 -12.15 7.97
CA PRO B 128 -16.07 -10.77 8.34
C PRO B 128 -17.49 -10.52 8.83
N SER B 129 -17.64 -9.45 9.59
CA SER B 129 -18.95 -9.00 10.05
C SER B 129 -19.16 -7.85 9.05
N VAL B 130 -20.29 -7.87 8.36
CA VAL B 130 -20.59 -6.82 7.39
C VAL B 130 -21.76 -6.00 7.90
N TYR B 131 -21.55 -4.70 8.06
CA TYR B 131 -22.58 -3.80 8.57
C TYR B 131 -22.95 -2.73 7.56
N PRO B 132 -24.27 -2.47 7.43
CA PRO B 132 -24.68 -1.46 6.47
C PRO B 132 -24.44 -0.07 7.07
N LEU B 133 -24.04 0.87 6.24
CA LEU B 133 -23.84 2.23 6.73
C LEU B 133 -24.87 3.10 6.02
N ALA B 134 -25.85 3.56 6.78
CA ALA B 134 -26.88 4.40 6.22
C ALA B 134 -26.95 5.65 7.06
N PRO B 135 -27.23 6.79 6.42
CA PRO B 135 -27.31 8.08 7.13
C PRO B 135 -28.54 8.11 8.04
N GLY B 136 -28.48 8.91 9.10
CA GLY B 136 -29.64 9.03 9.97
C GLY B 136 -30.68 9.64 9.04
N SER B 137 -31.82 8.97 8.86
CA SER B 137 -32.84 9.46 7.94
C SER B 137 -33.49 10.79 8.32
N ALA B 138 -33.34 11.21 9.58
CA ALA B 138 -33.95 12.45 10.01
C ALA B 138 -33.07 13.64 9.62
N ALA B 139 -31.84 13.36 9.21
CA ALA B 139 -30.91 14.41 8.79
C ALA B 139 -31.24 14.94 7.40
N ASN B 142 -29.71 17.86 -0.07
CA ASN B 142 -28.50 17.47 -0.78
C ASN B 142 -28.90 16.66 -2.01
N SER B 143 -28.13 16.80 -3.09
CA SER B 143 -28.43 16.09 -4.33
C SER B 143 -27.90 14.65 -4.37
N MET B 144 -26.88 14.35 -3.57
CA MET B 144 -26.29 13.02 -3.56
C MET B 144 -26.26 12.43 -2.15
N VAL B 145 -26.40 11.12 -2.05
CA VAL B 145 -26.35 10.47 -0.74
C VAL B 145 -25.22 9.45 -0.74
N THR B 146 -24.48 9.41 0.35
CA THR B 146 -23.39 8.47 0.44
C THR B 146 -23.79 7.37 1.41
N LEU B 147 -23.61 6.14 0.96
CA LEU B 147 -23.93 4.97 1.74
C LEU B 147 -22.64 4.17 1.81
N GLY B 148 -22.60 3.19 2.69
CA GLY B 148 -21.39 2.41 2.76
C GLY B 148 -21.64 1.09 3.44
N CYS B 149 -20.58 0.31 3.53
CA CYS B 149 -20.58 -0.96 4.21
C CYS B 149 -19.27 -1.07 4.94
N LEU B 150 -19.35 -1.57 6.17
CA LEU B 150 -18.17 -1.75 6.99
C LEU B 150 -17.96 -3.25 7.07
N VAL B 151 -16.76 -3.68 6.66
CA VAL B 151 -16.38 -5.09 6.66
C VAL B 151 -15.36 -5.18 7.78
N LYS B 152 -15.82 -5.65 8.93
CA LYS B 152 -15.00 -5.69 10.11
C LYS B 152 -14.58 -7.03 10.69
N GLY B 153 -13.34 -7.04 11.18
CA GLY B 153 -12.74 -8.18 11.85
C GLY B 153 -12.56 -9.48 11.11
N TYR B 154 -11.92 -9.43 9.95
CA TYR B 154 -11.71 -10.63 9.18
C TYR B 154 -10.22 -10.91 9.05
N PHE B 155 -9.90 -12.11 8.58
CA PHE B 155 -8.53 -12.55 8.36
C PHE B 155 -8.61 -13.86 7.58
N PRO B 156 -7.73 -14.02 6.58
CA PRO B 156 -6.70 -13.08 6.13
C PRO B 156 -7.28 -12.30 4.96
N GLU B 157 -6.42 -11.52 4.29
CA GLU B 157 -6.82 -10.77 3.11
C GLU B 157 -6.92 -11.82 2.00
N PRO B 158 -7.68 -11.53 0.95
CA PRO B 158 -8.44 -10.28 0.81
C PRO B 158 -9.94 -10.49 0.93
N VAL B 159 -10.67 -9.40 0.74
CA VAL B 159 -12.12 -9.40 0.70
C VAL B 159 -12.38 -8.61 -0.56
N THR B 160 -13.50 -8.90 -1.22
CA THR B 160 -13.89 -8.21 -2.44
C THR B 160 -15.21 -7.54 -2.12
N VAL B 161 -15.38 -6.31 -2.56
CA VAL B 161 -16.63 -5.61 -2.32
C VAL B 161 -17.15 -5.03 -3.64
N THR B 162 -18.42 -5.30 -3.93
CA THR B 162 -19.08 -4.75 -5.11
C THR B 162 -20.42 -4.22 -4.65
N TRP B 163 -21.00 -3.36 -5.45
CA TRP B 163 -22.30 -2.79 -5.14
C TRP B 163 -23.29 -3.23 -6.20
N ASN B 164 -24.44 -3.75 -5.76
CA ASN B 164 -25.47 -4.26 -6.66
C ASN B 164 -24.88 -5.27 -7.65
N SER B 165 -24.06 -6.18 -7.12
CA SER B 165 -23.42 -7.21 -7.92
C SER B 165 -22.67 -6.63 -9.12
N GLY B 166 -22.07 -5.47 -8.93
CA GLY B 166 -21.30 -4.85 -10.00
C GLY B 166 -22.02 -3.84 -10.87
N SER B 167 -23.35 -3.88 -10.92
CA SER B 167 -24.10 -2.93 -11.73
C SER B 167 -23.86 -1.48 -11.31
N LEU B 168 -23.35 -1.30 -10.09
CA LEU B 168 -23.07 0.03 -9.56
C LEU B 168 -21.55 0.12 -9.41
N SER B 169 -20.91 0.77 -10.38
CA SER B 169 -19.46 0.91 -10.39
C SER B 169 -18.98 2.34 -10.22
N SER B 170 -19.79 3.29 -10.65
CA SER B 170 -19.43 4.70 -10.54
C SER B 170 -19.76 5.26 -9.16
N GLY B 171 -18.88 6.15 -8.67
CA GLY B 171 -19.08 6.77 -7.39
C GLY B 171 -18.73 5.87 -6.20
N VAL B 172 -17.97 4.81 -6.46
CA VAL B 172 -17.58 3.89 -5.41
C VAL B 172 -16.14 4.03 -4.94
N HIS B 173 -15.94 4.02 -3.63
CA HIS B 173 -14.59 4.11 -3.08
C HIS B 173 -14.42 2.92 -2.16
N THR B 174 -13.41 2.08 -2.40
CA THR B 174 -13.20 1.00 -1.47
C THR B 174 -11.84 1.29 -0.83
N PHE B 175 -11.83 1.40 0.48
CA PHE B 175 -10.63 1.73 1.20
C PHE B 175 -9.78 0.52 1.53
N PRO B 176 -8.43 0.68 1.46
CA PRO B 176 -7.53 -0.42 1.76
C PRO B 176 -7.72 -0.91 3.19
N ALA B 177 -7.62 -2.22 3.38
CA ALA B 177 -7.78 -2.82 4.70
C ALA B 177 -6.70 -2.33 5.66
N VAL B 178 -7.05 -2.25 6.94
CA VAL B 178 -6.11 -1.81 7.96
C VAL B 178 -6.13 -2.87 9.05
N LEU B 179 -4.94 -3.30 9.44
CA LEU B 179 -4.78 -4.33 10.46
C LEU B 179 -4.89 -3.75 11.86
N GLN B 180 -5.86 -4.26 12.61
CA GLN B 180 -6.13 -3.82 13.98
C GLN B 180 -6.27 -5.05 14.88
N SER B 181 -5.36 -5.19 15.85
CA SER B 181 -5.40 -6.33 16.76
C SER B 181 -5.45 -7.65 16.00
N ASP B 182 -4.54 -7.78 15.05
CA ASP B 182 -4.41 -8.99 14.23
C ASP B 182 -5.49 -9.23 13.20
N LEU B 183 -6.57 -8.45 13.23
CA LEU B 183 -7.64 -8.63 12.24
C LEU B 183 -7.83 -7.40 11.35
N TYR B 184 -8.22 -7.63 10.10
CA TYR B 184 -8.41 -6.55 9.15
C TYR B 184 -9.82 -5.97 9.18
N THR B 185 -9.92 -4.68 8.88
CA THR B 185 -11.19 -3.99 8.78
C THR B 185 -11.07 -3.17 7.51
N LEU B 186 -12.17 -3.10 6.77
CA LEU B 186 -12.21 -2.40 5.51
C LEU B 186 -13.56 -1.73 5.38
N SER B 187 -13.65 -0.67 4.59
CA SER B 187 -14.92 0.00 4.40
C SER B 187 -15.08 0.40 2.94
N SER B 188 -16.32 0.61 2.53
CA SER B 188 -16.58 0.99 1.14
C SER B 188 -17.71 1.97 1.15
N SER B 189 -17.59 3.00 0.33
CA SER B 189 -18.65 4.01 0.24
C SER B 189 -19.13 4.08 -1.19
N VAL B 190 -20.40 4.44 -1.36
CA VAL B 190 -20.94 4.58 -2.71
C VAL B 190 -21.82 5.80 -2.63
N THR B 191 -21.70 6.65 -3.63
CA THR B 191 -22.49 7.87 -3.67
C THR B 191 -23.44 7.82 -4.86
N VAL B 192 -24.71 8.06 -4.59
CA VAL B 192 -25.72 8.02 -5.63
C VAL B 192 -26.66 9.21 -5.53
N PRO B 193 -27.40 9.50 -6.60
CA PRO B 193 -28.33 10.64 -6.58
C PRO B 193 -29.39 10.40 -5.51
N SER B 194 -29.76 11.46 -4.78
CA SER B 194 -30.77 11.36 -3.74
C SER B 194 -32.10 10.92 -4.30
N SER B 195 -32.29 11.10 -5.60
CA SER B 195 -33.54 10.71 -6.23
C SER B 195 -33.64 9.20 -6.44
N THR B 196 -32.54 8.47 -6.28
CA THR B 196 -32.56 7.03 -6.47
C THR B 196 -32.63 6.22 -5.17
N TRP B 197 -32.11 6.74 -4.08
CA TRP B 197 -32.18 6.01 -2.80
C TRP B 197 -32.98 6.86 -1.81
N PRO B 198 -33.87 6.25 -1.01
CA PRO B 198 -34.24 4.83 -0.87
C PRO B 198 -35.09 4.20 -1.98
N SER B 199 -35.65 5.03 -2.86
CA SER B 199 -36.49 4.55 -3.94
C SER B 199 -35.98 3.25 -4.53
N GLU B 200 -34.73 3.27 -4.99
CA GLU B 200 -34.10 2.11 -5.59
C GLU B 200 -33.27 1.43 -4.50
N THR B 201 -33.10 0.11 -4.60
CA THR B 201 -32.36 -0.63 -3.61
C THR B 201 -30.85 -0.64 -3.86
N VAL B 202 -30.08 -0.53 -2.79
CA VAL B 202 -28.62 -0.55 -2.87
C VAL B 202 -28.15 -1.65 -1.94
N THR B 203 -27.29 -2.53 -2.45
CA THR B 203 -26.82 -3.66 -1.67
C THR B 203 -25.32 -3.78 -1.86
N CYS B 204 -24.58 -4.10 -0.80
CA CYS B 204 -23.15 -4.29 -0.97
C CYS B 204 -22.90 -5.78 -0.87
N ASN B 205 -22.08 -6.26 -1.79
CA ASN B 205 -21.74 -7.66 -1.84
C ASN B 205 -20.33 -7.78 -1.36
N VAL B 206 -20.13 -8.62 -0.35
CA VAL B 206 -18.81 -8.82 0.22
C VAL B 206 -18.43 -10.28 0.11
N ALA B 207 -17.22 -10.53 -0.38
CA ALA B 207 -16.76 -11.89 -0.51
C ALA B 207 -15.42 -12.03 0.19
N HIS B 208 -15.28 -13.10 0.96
CA HIS B 208 -14.04 -13.39 1.67
C HIS B 208 -13.70 -14.84 1.32
N PRO B 209 -12.92 -15.05 0.23
CA PRO B 209 -12.51 -16.39 -0.25
C PRO B 209 -11.93 -17.34 0.80
N ALA B 210 -11.09 -16.80 1.69
CA ALA B 210 -10.47 -17.57 2.74
C ALA B 210 -11.47 -18.39 3.55
N SER B 211 -12.66 -17.83 3.77
CA SER B 211 -13.70 -18.51 4.55
C SER B 211 -14.96 -18.84 3.74
N SER B 212 -14.88 -18.76 2.42
CA SER B 212 -16.01 -19.05 1.53
C SER B 212 -17.21 -18.18 1.85
N THR B 213 -16.98 -17.04 2.49
CA THR B 213 -18.09 -16.16 2.83
C THR B 213 -18.53 -15.25 1.67
N LYS B 214 -19.85 -15.14 1.52
CA LYS B 214 -20.49 -14.29 0.52
C LYS B 214 -21.68 -13.68 1.22
N VAL B 215 -21.57 -12.39 1.54
CA VAL B 215 -22.64 -11.68 2.22
C VAL B 215 -23.22 -10.57 1.37
N ASP B 216 -24.54 -10.48 1.36
CA ASP B 216 -25.21 -9.43 0.61
C ASP B 216 -25.99 -8.67 1.67
N LYS B 217 -25.64 -7.40 1.84
CA LYS B 217 -26.29 -6.59 2.85
C LYS B 217 -26.99 -5.44 2.19
N LYS B 218 -28.31 -5.41 2.31
CA LYS B 218 -29.09 -4.34 1.74
C LYS B 218 -28.93 -3.12 2.64
N ILE B 219 -28.82 -1.93 2.05
CA ILE B 219 -28.68 -0.73 2.85
C ILE B 219 -30.09 -0.18 2.92
N VAL B 220 -30.73 -0.28 4.07
CA VAL B 220 -32.09 0.23 4.17
C VAL B 220 -32.16 1.47 5.03
N PRO B 221 -33.04 2.41 4.67
CA PRO B 221 -33.13 3.62 5.48
C PRO B 221 -33.56 3.30 6.90
N ARG B 222 -33.14 4.13 7.83
CA ARG B 222 -33.47 3.91 9.21
C ARG B 222 -33.08 5.12 10.04
N ASP B 223 -33.84 5.34 11.11
CA ASP B 223 -33.52 6.43 11.99
C ASP B 223 -32.53 5.85 12.99
N CYS B 224 -31.64 6.70 13.49
CA CYS B 224 -30.64 6.26 14.44
C CYS B 224 -31.13 6.18 15.87
C1 CPD C . 33.41 -11.44 -6.35
C2 CPD C . 33.02 -10.02 -6.80
C3 CPD C . 32.70 -7.67 -6.05
C4 CPD C . 34.02 -6.92 -5.71
C5 CPD C . 31.50 -7.29 -5.13
C6 CPD C . 30.18 -8.02 -5.53
C7 CPD C . 29.92 -9.36 -5.11
C8 CPD C . 29.23 -7.33 -6.33
C9 CPD C . 28.72 -10.01 -5.49
C10 CPD C . 28.03 -7.96 -6.70
C11 CPD C . 27.75 -9.32 -6.30
C12 CPD C . 30.68 -6.81 -1.49
C13 CPD C . 29.35 -6.53 -2.18
C14 CPD C . 29.04 -5.23 -2.63
C15 CPD C . 28.44 -7.61 -2.39
C16 CPD C . 27.83 -4.98 -3.30
C17 CPD C . 27.22 -7.35 -3.06
C18 CPD C . 26.91 -6.03 -3.52
C19 CPD C . 24.60 -6.57 -4.55
C20 CPD C . 23.46 -5.92 -5.35
C21 CPD C . 33.65 -8.19 -1.06
C22 CPD C . 34.81 -9.88 0.30
C23 CPD C . 34.78 -9.72 1.83
C24 CPD C . 34.55 -6.08 -1.56
C25 CPD C . 34.33 -5.14 -0.35
C26 CPD C . 35.46 -4.09 -0.28
C27 CPD C . 36.36 -2.16 0.87
C28 CPD C . 35.33 -3.90 2.17
N1 CPD C . 33.04 -9.09 -5.86
N2 CPD C . 26.61 -9.93 -6.67
N3 CPD C . 25.66 -5.81 -4.24
N4 CPD C . 33.57 -6.98 -1.64
N5 CPD C . 34.74 -8.55 -0.36
N6 CPD C . 35.28 -3.16 0.87
O1 CPD C . 32.69 -9.79 -7.97
O2 CPD C . 33.88 -5.50 -5.88
O3 CPD C . 25.78 -9.35 -7.35
O4 CPD C . 26.38 -11.08 -6.31
O5 CPD C . 31.84 -7.64 -3.76
O6 CPD C . 32.19 -5.17 -3.15
O7 CPD C . 32.69 -8.97 -1.17
O8 CPD C . 24.51 -7.74 -4.21
CL1 CPD C . 34.80 -12.03 -7.32
CL2 CPD C . 32.02 -12.48 -6.52
F1 CPD C . 23.46 -6.40 -6.64
F2 CPD C . 22.26 -6.19 -4.77
F3 CPD C . 23.64 -4.58 -5.42
P CPD C . 32.05 -6.59 -2.56
#